data_6B8J
#
_entry.id   6B8J
#
_cell.length_a   56.747
_cell.length_b   65.070
_cell.length_c   57.336
_cell.angle_alpha   90.00
_cell.angle_beta   100.53
_cell.angle_gamma   90.00
#
_symmetry.space_group_name_H-M   'P 1 21 1'
#
loop_
_entity.id
_entity.type
_entity.pdbx_description
1 polymer 'Glycogen synthase kinase-3 beta'
2 polymer VAL-SEP-ARG-ARG
3 non-polymer GLYCEROL
4 non-polymer CHIR99021
5 water water
#
loop_
_entity_poly.entity_id
_entity_poly.type
_entity_poly.pdbx_seq_one_letter_code
_entity_poly.pdbx_strand_id
1 'polypeptide(L)'
;MSGRPRTTSFAESCKPVQQPSAFGSMKVSRDKDGSKVTTVVATPGQGPDRPQEVSYTDTKVIGNGSFGVVYQAKLCDSGE
LVAIKKVLQDKRFKNRELQIMRKLDHCNIVRLRYFFYSSGEKKDEVYLNLVLDYVPETVYRVARHYSRAKQTLPVIYVKL
YMYQLFRSLAYIHSFGICHRDIKPQNLLLDPDTAVLKLCDFGSAKQLVRGEPNVS(PTR)ICSRYYRAPELIFGATDYTS
SIDVWSAGCVLAELLLGQPIFPGDSGVDQLVEIIKVLGTPTREQIREMNPNYTEFKFPQIKAHPWTKVFRPRTPPEAIAL
CSRLLEYTPTARLTPLEACAHSFFDELRDPNVKLPNGRDTPALFNFTTQELSSNPPLATILIPPHARIQAAASTPTNATA
ASDANTGDRGQTNNAASASASNST
;
A
2 'polypeptide(L)' V(SEP)RR C
#
# COMPACT_ATOMS: atom_id res chain seq x y z
N VAL A 37 -24.67 -18.02 16.42
CA VAL A 37 -23.24 -17.74 16.57
C VAL A 37 -22.44 -18.60 15.58
N THR A 38 -22.37 -19.91 15.83
CA THR A 38 -21.50 -20.75 15.04
C THR A 38 -22.01 -20.87 13.62
N THR A 39 -21.08 -20.86 12.68
CA THR A 39 -21.36 -20.93 11.26
C THR A 39 -20.36 -21.89 10.65
N VAL A 40 -20.80 -22.64 9.64
CA VAL A 40 -19.99 -23.69 9.04
C VAL A 40 -20.09 -23.60 7.53
N VAL A 41 -18.96 -23.82 6.84
CA VAL A 41 -18.89 -23.78 5.39
C VAL A 41 -17.82 -24.73 4.91
N ALA A 42 -17.64 -24.85 3.59
CA ALA A 42 -16.55 -25.63 3.00
C ALA A 42 -15.80 -24.77 2.00
N THR A 43 -14.48 -24.68 2.18
CA THR A 43 -13.64 -23.85 1.32
C THR A 43 -12.28 -24.50 1.04
N PRO A 44 -11.70 -24.20 -0.13
CA PRO A 44 -10.40 -24.81 -0.47
C PRO A 44 -9.17 -24.25 0.25
N GLY A 45 -9.04 -22.93 0.45
CA GLY A 45 -7.80 -22.39 0.98
C GLY A 45 -6.73 -22.09 -0.08
N GLN A 46 -5.58 -21.60 0.41
CA GLN A 46 -4.48 -21.19 -0.47
C GLN A 46 -3.68 -22.36 -1.03
N GLY A 47 -3.21 -23.25 -0.16
CA GLY A 47 -2.18 -24.19 -0.54
C GLY A 47 -2.60 -25.21 -1.59
N PRO A 48 -3.45 -26.18 -1.19
CA PRO A 48 -3.88 -27.25 -2.08
C PRO A 48 -5.15 -26.99 -2.88
N ASP A 49 -5.79 -28.11 -3.27
CA ASP A 49 -7.16 -28.38 -3.72
C ASP A 49 -7.78 -29.37 -2.72
N ARG A 50 -8.23 -28.84 -1.57
CA ARG A 50 -8.76 -29.67 -0.48
C ARG A 50 -9.87 -28.95 0.27
N PRO A 51 -11.02 -28.75 -0.36
CA PRO A 51 -12.14 -28.12 0.36
C PRO A 51 -12.42 -28.84 1.68
N GLN A 52 -12.65 -28.07 2.73
CA GLN A 52 -12.83 -28.67 4.04
C GLN A 52 -13.73 -27.79 4.89
N GLU A 53 -14.35 -28.41 5.89
CA GLU A 53 -15.25 -27.69 6.80
C GLU A 53 -14.46 -26.81 7.75
N VAL A 54 -14.85 -25.54 7.84
CA VAL A 54 -14.33 -24.61 8.83
C VAL A 54 -15.52 -23.94 9.50
N SER A 55 -15.41 -23.75 10.81
CA SER A 55 -16.50 -23.24 11.62
C SER A 55 -16.02 -22.03 12.39
N TYR A 56 -16.79 -20.95 12.35
CA TYR A 56 -16.39 -19.71 12.98
C TYR A 56 -17.59 -19.12 13.73
N THR A 57 -17.32 -18.17 14.61
CA THR A 57 -18.37 -17.64 15.46
C THR A 57 -17.97 -16.24 15.92
N ASP A 58 -18.71 -15.73 16.91
CA ASP A 58 -18.46 -14.39 17.45
C ASP A 58 -18.30 -13.36 16.34
N THR A 59 -19.04 -13.55 15.26
CA THR A 59 -18.88 -12.69 14.10
C THR A 59 -19.37 -11.28 14.41
N LYS A 60 -18.61 -10.29 13.95
CA LYS A 60 -18.87 -8.89 14.17
C LYS A 60 -18.57 -8.14 12.88
N VAL A 61 -19.35 -7.10 12.59
CA VAL A 61 -19.11 -6.25 11.44
C VAL A 61 -17.96 -5.31 11.75
N ILE A 62 -16.98 -5.25 10.85
CA ILE A 62 -15.90 -4.27 10.98
C ILE A 62 -16.21 -3.01 10.19
N GLY A 63 -16.61 -3.15 8.94
CA GLY A 63 -16.89 -1.96 8.15
C GLY A 63 -17.60 -2.26 6.84
N ASN A 64 -18.14 -1.19 6.28
CA ASN A 64 -18.78 -1.14 4.98
C ASN A 64 -17.92 -0.28 4.06
N GLY A 65 -17.94 -0.57 2.76
CA GLY A 65 -17.11 0.21 1.88
C GLY A 65 -17.11 -0.28 0.45
N SER A 66 -16.20 0.31 -0.33
CA SER A 66 -15.99 -0.05 -1.71
C SER A 66 -15.47 -1.48 -1.84
N PHE A 67 -14.79 -1.96 -0.82
CA PHE A 67 -14.31 -3.33 -0.71
C PHE A 67 -15.42 -4.31 -0.36
N GLY A 68 -16.65 -3.82 -0.15
CA GLY A 68 -17.73 -4.68 0.27
C GLY A 68 -17.95 -4.56 1.76
N VAL A 69 -17.87 -5.67 2.49
CA VAL A 69 -18.02 -5.68 3.93
C VAL A 69 -17.02 -6.66 4.52
N VAL A 70 -16.49 -6.32 5.70
CA VAL A 70 -15.47 -7.11 6.36
C VAL A 70 -15.95 -7.41 7.77
N TYR A 71 -16.00 -8.69 8.13
CA TYR A 71 -16.38 -9.10 9.48
C TYR A 71 -15.18 -9.66 10.22
N GLN A 72 -15.22 -9.53 11.54
CA GLN A 72 -14.32 -10.28 12.39
C GLN A 72 -15.01 -11.57 12.83
N ALA A 73 -14.24 -12.64 12.95
CA ALA A 73 -14.75 -13.89 13.46
C ALA A 73 -13.62 -14.67 14.12
N LYS A 74 -14.01 -15.61 14.96
CA LYS A 74 -13.08 -16.57 15.57
C LYS A 74 -13.25 -17.91 14.88
N LEU A 75 -12.16 -18.44 14.30
CA LEU A 75 -12.21 -19.82 13.83
C LEU A 75 -12.38 -20.74 15.02
N CYS A 76 -13.27 -21.73 14.89
CA CYS A 76 -13.57 -22.59 16.03
C CYS A 76 -12.43 -23.55 16.33
N ASP A 77 -11.73 -24.05 15.31
CA ASP A 77 -10.71 -25.06 15.56
C ASP A 77 -9.53 -24.48 16.35
N SER A 78 -8.95 -23.39 15.87
CA SER A 78 -7.76 -22.82 16.50
C SER A 78 -8.08 -21.72 17.50
N GLY A 79 -9.25 -21.08 17.41
CA GLY A 79 -9.53 -19.92 18.23
C GLY A 79 -8.92 -18.64 17.68
N GLU A 80 -8.23 -18.73 16.54
CA GLU A 80 -7.61 -17.56 15.93
C GLU A 80 -8.66 -16.60 15.41
N LEU A 81 -8.38 -15.31 15.55
CA LEU A 81 -9.20 -14.31 14.91
C LEU A 81 -8.90 -14.25 13.42
N VAL A 82 -9.95 -13.96 12.66
CA VAL A 82 -9.88 -13.86 11.20
C VAL A 82 -10.74 -12.69 10.76
N ALA A 83 -10.42 -12.17 9.58
CA ALA A 83 -11.24 -11.17 8.91
C ALA A 83 -11.89 -11.83 7.69
N ILE A 84 -13.14 -11.46 7.44
CA ILE A 84 -13.89 -12.02 6.31
C ILE A 84 -14.39 -10.88 5.45
N LYS A 85 -13.93 -10.85 4.21
CA LYS A 85 -14.31 -9.84 3.23
C LYS A 85 -15.36 -10.42 2.27
N LYS A 86 -16.47 -9.69 2.06
CA LYS A 86 -17.54 -10.13 1.16
C LYS A 86 -17.72 -9.12 0.03
N VAL A 87 -17.69 -9.61 -1.21
CA VAL A 87 -17.77 -8.75 -2.40
C VAL A 87 -18.31 -9.51 -3.61
N LEU A 88 -18.56 -8.74 -4.67
CA LEU A 88 -19.05 -9.20 -5.96
C LEU A 88 -19.43 -7.97 -6.78
N GLN A 89 -19.44 -8.13 -8.12
CA GLN A 89 -20.26 -8.95 -8.99
C GLN A 89 -19.56 -8.89 -10.35
N ASP A 90 -20.09 -9.60 -11.34
CA ASP A 90 -19.39 -9.51 -12.61
C ASP A 90 -19.38 -8.08 -13.07
N LYS A 91 -20.43 -7.31 -12.80
CA LYS A 91 -20.49 -6.01 -13.45
C LYS A 91 -19.71 -6.06 -14.76
N ARG A 92 -19.39 -4.93 -15.36
CA ARG A 92 -18.74 -4.90 -16.65
C ARG A 92 -17.25 -4.81 -16.47
N PHE A 93 -16.75 -4.84 -15.23
CA PHE A 93 -15.34 -4.68 -14.96
C PHE A 93 -14.66 -6.00 -14.63
N LYS A 94 -13.37 -6.07 -14.95
CA LYS A 94 -12.55 -7.25 -14.72
C LYS A 94 -11.91 -7.13 -13.34
N ASN A 95 -12.53 -7.77 -12.34
CA ASN A 95 -11.91 -7.89 -11.03
C ASN A 95 -10.86 -9.00 -11.04
N ARG A 96 -9.96 -8.95 -10.05
CA ARG A 96 -8.84 -9.88 -10.02
C ARG A 96 -8.39 -10.27 -8.63
N GLU A 97 -9.11 -9.90 -7.56
CA GLU A 97 -8.51 -9.96 -6.23
C GLU A 97 -8.17 -11.39 -5.83
N LEU A 98 -9.07 -12.31 -6.07
CA LEU A 98 -8.69 -13.71 -6.06
C LEU A 98 -7.80 -13.93 -7.28
N GLN A 99 -6.93 -14.94 -7.18
CA GLN A 99 -5.88 -15.21 -8.17
C GLN A 99 -4.67 -14.35 -7.93
N ILE A 100 -4.86 -13.25 -7.19
CA ILE A 100 -3.74 -12.47 -6.71
C ILE A 100 -3.43 -12.83 -5.26
N MET A 101 -4.46 -12.99 -4.44
CA MET A 101 -4.24 -13.40 -3.06
C MET A 101 -3.74 -14.83 -2.97
N ARG A 102 -4.17 -15.70 -3.89
CA ARG A 102 -3.70 -17.07 -3.87
C ARG A 102 -2.23 -17.17 -4.25
N LYS A 103 -1.72 -16.19 -4.99
CA LYS A 103 -0.33 -16.22 -5.43
C LYS A 103 0.63 -15.65 -4.40
N LEU A 104 0.16 -14.90 -3.42
CA LEU A 104 1.05 -14.12 -2.56
C LEU A 104 1.30 -14.79 -1.22
N ASP A 105 2.55 -14.73 -0.78
CA ASP A 105 2.98 -15.21 0.54
C ASP A 105 4.07 -14.27 1.03
N HIS A 106 3.71 -13.37 1.94
CA HIS A 106 4.67 -12.37 2.41
C HIS A 106 4.29 -11.95 3.81
N CYS A 107 5.31 -11.77 4.67
CA CYS A 107 5.06 -11.37 6.05
C CYS A 107 4.43 -9.99 6.14
N ASN A 108 4.58 -9.15 5.11
CA ASN A 108 4.00 -7.82 5.08
C ASN A 108 2.76 -7.72 4.18
N ILE A 109 2.19 -8.85 3.79
CA ILE A 109 0.91 -8.89 3.10
C ILE A 109 -0.01 -9.81 3.89
N VAL A 110 -1.26 -9.38 4.09
CA VAL A 110 -2.22 -10.19 4.82
C VAL A 110 -2.48 -11.47 4.05
N ARG A 111 -2.49 -12.62 4.72
CA ARG A 111 -2.64 -13.85 3.95
C ARG A 111 -4.09 -14.29 3.85
N LEU A 112 -4.37 -14.91 2.72
CA LEU A 112 -5.65 -15.53 2.42
C LEU A 112 -5.61 -16.96 2.95
N ARG A 113 -6.44 -17.24 3.94
CA ARG A 113 -6.53 -18.60 4.45
C ARG A 113 -7.51 -19.44 3.66
N TYR A 114 -8.65 -18.85 3.34
CA TYR A 114 -9.80 -19.59 2.87
C TYR A 114 -10.69 -18.64 2.07
N PHE A 115 -11.58 -19.23 1.28
CA PHE A 115 -12.59 -18.46 0.57
C PHE A 115 -13.81 -19.34 0.34
N PHE A 116 -15.00 -18.75 0.32
CA PHE A 116 -16.18 -19.60 0.16
C PHE A 116 -17.37 -18.78 -0.27
N TYR A 117 -18.04 -19.24 -1.33
CA TYR A 117 -19.20 -18.56 -1.84
C TYR A 117 -20.41 -18.82 -0.95
N SER A 118 -21.31 -17.85 -0.88
CA SER A 118 -22.47 -18.01 -0.01
C SER A 118 -23.59 -17.08 -0.46
N SER A 119 -24.75 -17.30 0.14
CA SER A 119 -25.90 -16.42 0.05
C SER A 119 -25.74 -15.22 0.98
N GLY A 120 -26.49 -14.16 0.69
CA GLY A 120 -26.49 -12.97 1.53
C GLY A 120 -27.52 -11.95 1.08
N ASP A 124 -29.41 -10.72 -2.89
CA ASP A 124 -29.07 -9.89 -4.03
C ASP A 124 -28.52 -10.77 -5.16
N GLU A 125 -27.37 -11.42 -4.92
CA GLU A 125 -26.73 -12.32 -5.86
C GLU A 125 -25.95 -13.32 -5.01
N VAL A 126 -25.17 -14.19 -5.66
CA VAL A 126 -24.30 -15.12 -4.94
C VAL A 126 -23.40 -14.25 -4.07
N TYR A 127 -22.64 -14.82 -3.13
CA TYR A 127 -21.65 -14.01 -2.43
C TYR A 127 -20.32 -14.74 -2.31
N LEU A 128 -19.24 -14.02 -2.57
CA LEU A 128 -17.88 -14.48 -2.35
C LEU A 128 -17.38 -14.01 -0.99
N ASN A 129 -16.69 -14.90 -0.28
CA ASN A 129 -16.04 -14.54 0.97
C ASN A 129 -14.57 -14.93 0.90
N LEU A 130 -13.71 -14.01 1.30
CA LEU A 130 -12.29 -14.25 1.48
C LEU A 130 -12.00 -14.29 2.97
N VAL A 131 -11.41 -15.39 3.44
CA VAL A 131 -10.98 -15.47 4.83
C VAL A 131 -9.51 -15.07 4.89
N LEU A 132 -9.21 -14.11 5.74
CA LEU A 132 -7.92 -13.44 5.77
C LEU A 132 -7.44 -13.35 7.20
N ASP A 133 -6.14 -13.16 7.36
CA ASP A 133 -5.61 -12.93 8.69
C ASP A 133 -6.22 -11.66 9.27
N TYR A 134 -6.54 -11.71 10.56
CA TYR A 134 -7.00 -10.53 11.27
C TYR A 134 -5.80 -9.77 11.81
N VAL A 135 -5.85 -8.46 11.68
CA VAL A 135 -4.82 -7.57 12.22
C VAL A 135 -5.54 -6.48 13.01
N PRO A 136 -5.05 -6.11 14.20
CA PRO A 136 -5.91 -5.29 15.09
C PRO A 136 -6.17 -3.87 14.60
N GLU A 137 -5.26 -3.25 13.84
CA GLU A 137 -5.35 -1.81 13.57
C GLU A 137 -4.95 -1.50 12.14
N THR A 138 -5.22 -0.27 11.73
CA THR A 138 -4.73 0.28 10.47
C THR A 138 -3.78 1.43 10.75
N VAL A 139 -2.86 1.66 9.82
CA VAL A 139 -1.99 2.82 9.91
C VAL A 139 -2.81 4.11 9.95
N TYR A 140 -3.93 4.14 9.24
CA TYR A 140 -4.76 5.33 9.23
C TYR A 140 -5.34 5.62 10.61
N ARG A 141 -5.83 4.59 11.28
CA ARG A 141 -6.40 4.77 12.61
C ARG A 141 -5.34 5.18 13.62
N VAL A 142 -4.15 4.61 13.52
CA VAL A 142 -3.08 4.94 14.45
C VAL A 142 -2.55 6.34 14.16
N ALA A 143 -2.47 6.71 12.88
CA ALA A 143 -2.06 8.07 12.55
C ALA A 143 -3.10 9.09 13.02
N ARG A 144 -4.38 8.72 12.98
CA ARG A 144 -5.42 9.62 13.47
C ARG A 144 -5.34 9.77 14.98
N HIS A 145 -5.06 8.68 15.69
CA HIS A 145 -4.97 8.75 17.15
C HIS A 145 -3.91 9.75 17.59
N TYR A 146 -2.79 9.81 16.88
CA TYR A 146 -1.77 10.80 17.21
C TYR A 146 -2.22 12.21 16.84
N SER A 147 -2.91 12.35 15.71
CA SER A 147 -3.33 13.68 15.28
C SER A 147 -4.38 14.27 16.22
N ARG A 148 -5.29 13.42 16.73
CA ARG A 148 -6.30 13.90 17.67
C ARG A 148 -5.66 14.36 18.98
N ALA A 149 -4.53 13.78 19.35
CA ALA A 149 -3.78 14.21 20.52
C ALA A 149 -2.76 15.29 20.19
N LYS A 150 -2.89 15.92 19.02
CA LYS A 150 -1.94 16.94 18.57
C LYS A 150 -0.50 16.44 18.69
N GLN A 151 -0.32 15.16 18.42
CA GLN A 151 1.00 14.56 18.33
C GLN A 151 1.17 14.01 16.93
N THR A 152 2.42 13.99 16.50
CA THR A 152 2.77 13.36 15.24
C THR A 152 3.30 11.96 15.54
N LEU A 153 3.11 11.06 14.59
CA LEU A 153 3.58 9.69 14.78
C LEU A 153 5.10 9.68 14.91
N PRO A 154 5.67 8.99 15.89
CA PRO A 154 7.13 8.98 16.05
C PRO A 154 7.84 8.47 14.80
N VAL A 155 9.02 9.04 14.50
CA VAL A 155 9.71 8.70 13.24
C VAL A 155 9.97 7.20 13.19
N ILE A 156 10.33 6.62 14.33
CA ILE A 156 10.69 5.21 14.36
C ILE A 156 9.54 4.37 13.82
N TYR A 157 8.31 4.75 14.13
CA TYR A 157 7.15 4.08 13.55
C TYR A 157 6.94 4.47 12.10
N VAL A 158 7.31 5.70 11.73
CA VAL A 158 7.24 6.08 10.32
C VAL A 158 8.22 5.24 9.51
N LYS A 159 9.42 5.04 10.04
CA LYS A 159 10.41 4.24 9.33
C LYS A 159 9.96 2.79 9.23
N LEU A 160 9.53 2.21 10.35
CA LEU A 160 9.06 0.83 10.35
C LEU A 160 7.89 0.63 9.40
N TYR A 161 6.89 1.51 9.47
CA TYR A 161 5.67 1.29 8.72
C TYR A 161 5.91 1.39 7.23
N MET A 162 6.61 2.44 6.79
CA MET A 162 7.01 2.82 5.44
C MET A 162 8.00 1.81 4.86
N TYR A 163 8.88 1.27 5.69
CA TYR A 163 9.83 0.27 5.21
C TYR A 163 9.12 -1.03 4.85
N GLN A 164 8.21 -1.49 5.70
CA GLN A 164 7.47 -2.72 5.41
C GLN A 164 6.53 -2.53 4.23
N LEU A 165 5.97 -1.33 4.05
CA LEU A 165 5.13 -1.09 2.88
C LEU A 165 5.93 -1.22 1.59
N PHE A 166 7.09 -0.56 1.53
CA PHE A 166 7.93 -0.68 0.35
C PHE A 166 8.38 -2.11 0.13
N ARG A 167 8.60 -2.83 1.22
CA ARG A 167 8.98 -4.23 1.09
C ARG A 167 7.83 -5.06 0.53
N SER A 168 6.61 -4.77 0.98
CA SER A 168 5.42 -5.38 0.36
C SER A 168 5.29 -4.97 -1.10
N LEU A 169 5.64 -3.72 -1.41
CA LEU A 169 5.53 -3.27 -2.79
C LEU A 169 6.57 -3.93 -3.68
N ALA A 170 7.80 -4.08 -3.18
CA ALA A 170 8.85 -4.72 -3.96
C ALA A 170 8.46 -6.15 -4.32
N TYR A 171 7.73 -6.82 -3.42
CA TYR A 171 7.40 -8.22 -3.63
C TYR A 171 6.32 -8.39 -4.69
N ILE A 172 5.26 -7.58 -4.63
CA ILE A 172 4.24 -7.66 -5.67
C ILE A 172 4.80 -7.17 -7.00
N HIS A 173 5.62 -6.12 -6.98
CA HIS A 173 6.14 -5.59 -8.24
C HIS A 173 7.09 -6.57 -8.90
N SER A 174 7.73 -7.46 -8.14
CA SER A 174 8.58 -8.48 -8.77
C SER A 174 7.74 -9.44 -9.61
N PHE A 175 6.47 -9.59 -9.26
CA PHE A 175 5.51 -10.33 -10.08
C PHE A 175 4.79 -9.45 -11.09
N GLY A 176 5.17 -8.17 -11.19
CA GLY A 176 4.50 -7.26 -12.10
C GLY A 176 3.16 -6.75 -11.62
N ILE A 177 2.78 -7.03 -10.37
CA ILE A 177 1.46 -6.69 -9.87
C ILE A 177 1.47 -5.31 -9.23
N CYS A 178 0.44 -4.52 -9.53
CA CYS A 178 0.31 -3.16 -9.03
C CYS A 178 -0.94 -3.10 -8.16
N HIS A 179 -0.77 -2.66 -6.90
CA HIS A 179 -1.89 -2.64 -5.97
C HIS A 179 -2.97 -1.63 -6.40
N ARG A 180 -2.55 -0.44 -6.83
CA ARG A 180 -3.43 0.60 -7.36
C ARG A 180 -4.45 1.12 -6.35
N ASP A 181 -4.20 0.94 -5.06
CA ASP A 181 -4.98 1.68 -4.06
C ASP A 181 -4.21 1.86 -2.76
N ILE A 182 -2.98 2.34 -2.84
CA ILE A 182 -2.11 2.47 -1.68
C ILE A 182 -2.56 3.68 -0.89
N LYS A 183 -3.23 3.44 0.24
CA LYS A 183 -3.65 4.48 1.16
C LYS A 183 -3.54 3.93 2.58
N PRO A 184 -3.39 4.80 3.58
CA PRO A 184 -3.20 4.31 4.95
C PRO A 184 -4.34 3.43 5.46
N GLN A 185 -5.54 3.60 4.92
CA GLN A 185 -6.66 2.74 5.30
C GLN A 185 -6.43 1.29 4.91
N ASN A 186 -5.57 1.04 3.93
CA ASN A 186 -5.28 -0.31 3.47
C ASN A 186 -3.98 -0.86 4.06
N LEU A 187 -3.44 -0.22 5.09
CA LEU A 187 -2.22 -0.68 5.74
C LEU A 187 -2.59 -1.22 7.11
N LEU A 188 -2.73 -2.54 7.19
CA LEU A 188 -3.00 -3.19 8.47
C LEU A 188 -1.75 -3.16 9.35
N LEU A 189 -1.98 -3.12 10.66
CA LEU A 189 -0.91 -2.86 11.61
C LEU A 189 -1.19 -3.55 12.93
N ASP A 190 -0.19 -4.25 13.46
CA ASP A 190 -0.25 -4.83 14.80
C ASP A 190 0.52 -3.91 15.72
N PRO A 191 -0.14 -3.22 16.67
CA PRO A 191 0.57 -2.19 17.44
C PRO A 191 1.68 -2.73 18.33
N ASP A 192 1.53 -3.93 18.90
CA ASP A 192 2.59 -4.43 19.78
C ASP A 192 3.85 -4.73 18.98
N THR A 193 3.71 -5.50 17.90
CA THR A 193 4.84 -5.95 17.09
C THR A 193 5.27 -4.94 16.03
N ALA A 194 4.49 -3.89 15.80
CA ALA A 194 4.71 -2.95 14.71
C ALA A 194 4.75 -3.63 13.34
N VAL A 195 4.16 -4.81 13.21
CA VAL A 195 4.08 -5.47 11.92
C VAL A 195 3.02 -4.80 11.06
N LEU A 196 3.36 -4.54 9.81
CA LEU A 196 2.43 -3.98 8.85
C LEU A 196 2.07 -5.03 7.80
N LYS A 197 0.80 -5.00 7.37
CA LYS A 197 0.31 -5.89 6.33
C LYS A 197 -0.53 -5.11 5.34
N LEU A 198 -0.07 -5.07 4.09
CA LEU A 198 -0.85 -4.51 3.00
C LEU A 198 -2.11 -5.33 2.78
N CYS A 199 -3.23 -4.66 2.49
CA CYS A 199 -4.48 -5.38 2.25
C CYS A 199 -5.27 -4.72 1.13
N ASP A 200 -6.47 -5.25 0.92
CA ASP A 200 -7.44 -4.79 -0.08
C ASP A 200 -6.87 -4.78 -1.50
N PHE A 201 -6.70 -5.96 -2.08
CA PHE A 201 -6.20 -6.05 -3.45
C PHE A 201 -7.31 -5.97 -4.48
N GLY A 202 -8.47 -5.41 -4.13
CA GLY A 202 -9.60 -5.39 -5.03
C GLY A 202 -9.44 -4.50 -6.23
N SER A 203 -8.48 -3.58 -6.21
CA SER A 203 -8.10 -2.80 -7.37
C SER A 203 -6.87 -3.36 -8.06
N ALA A 204 -6.30 -4.45 -7.56
CA ALA A 204 -5.00 -4.91 -8.01
C ALA A 204 -5.08 -5.53 -9.40
N LYS A 205 -4.01 -5.31 -10.17
CA LYS A 205 -3.91 -5.74 -11.54
C LYS A 205 -2.48 -6.11 -11.83
N GLN A 206 -2.29 -7.05 -12.74
CA GLN A 206 -0.96 -7.38 -13.23
C GLN A 206 -0.77 -6.63 -14.54
N LEU A 207 0.11 -5.63 -14.50
CA LEU A 207 0.35 -4.77 -15.65
C LEU A 207 1.29 -5.44 -16.64
N VAL A 208 0.93 -5.36 -17.92
CA VAL A 208 1.71 -5.91 -19.01
C VAL A 208 1.82 -4.82 -20.07
N ARG A 209 3.04 -4.53 -20.51
CA ARG A 209 3.20 -3.42 -21.44
C ARG A 209 2.34 -3.66 -22.68
N GLY A 210 1.74 -2.59 -23.18
CA GLY A 210 0.95 -2.67 -24.39
C GLY A 210 -0.48 -3.08 -24.15
N GLU A 211 -0.79 -3.73 -23.04
CA GLU A 211 -2.15 -3.75 -22.56
C GLU A 211 -2.46 -2.40 -21.91
N PRO A 212 -3.64 -1.83 -22.14
CA PRO A 212 -3.97 -0.60 -21.42
C PRO A 212 -4.78 -0.82 -20.15
N ASN A 213 -4.76 0.20 -19.29
CA ASN A 213 -5.37 0.16 -17.97
C ASN A 213 -6.09 1.49 -17.76
N VAL A 214 -7.14 1.45 -16.95
CA VAL A 214 -7.90 2.66 -16.69
C VAL A 214 -7.04 3.69 -15.96
N SER A 215 -7.25 4.94 -16.29
CA SER A 215 -6.59 6.05 -15.61
C SER A 215 -7.28 6.36 -14.29
N ILE A 217 -8.26 5.38 -11.23
CA ILE A 217 -7.99 4.28 -10.29
C ILE A 217 -7.21 4.89 -9.10
N CYS A 218 -7.07 4.17 -7.93
CA CYS A 218 -6.47 4.78 -6.74
CA CYS A 218 -6.41 4.82 -6.78
C CYS A 218 -7.13 5.98 -6.06
N SER A 219 -7.45 5.81 -4.79
CA SER A 219 -8.05 6.89 -4.02
C SER A 219 -7.43 8.23 -4.37
N ARG A 220 -8.29 9.24 -4.50
CA ARG A 220 -7.90 10.51 -5.13
C ARG A 220 -6.70 11.15 -4.45
N TYR A 221 -6.64 11.15 -3.12
CA TYR A 221 -5.55 11.84 -2.44
C TYR A 221 -4.20 11.19 -2.72
N TYR A 222 -4.19 9.91 -3.08
CA TYR A 222 -2.97 9.17 -3.33
C TYR A 222 -2.77 8.89 -4.81
N ARG A 223 -3.65 9.41 -5.65
CA ARG A 223 -3.61 9.15 -7.08
C ARG A 223 -2.44 9.85 -7.74
N ALA A 224 -1.68 9.11 -8.53
CA ALA A 224 -0.48 9.65 -9.15
C ALA A 224 -0.86 10.63 -10.25
N PRO A 225 -0.02 11.65 -10.50
CA PRO A 225 -0.37 12.64 -11.52
C PRO A 225 -0.58 12.04 -12.91
N GLU A 226 0.16 11.00 -13.31
CA GLU A 226 -0.09 10.40 -14.61
C GLU A 226 -1.55 10.03 -14.76
N LEU A 227 -2.14 9.52 -13.69
CA LEU A 227 -3.54 9.15 -13.73
C LEU A 227 -4.43 10.36 -13.88
N ILE A 228 -4.02 11.50 -13.31
CA ILE A 228 -4.79 12.72 -13.50
C ILE A 228 -4.76 13.12 -14.98
N PHE A 229 -3.66 12.85 -15.67
CA PHE A 229 -3.49 13.23 -17.06
C PHE A 229 -4.06 12.20 -18.03
N GLY A 230 -4.75 11.17 -17.53
CA GLY A 230 -5.38 10.21 -18.40
C GLY A 230 -4.48 9.13 -18.96
N ALA A 231 -3.24 9.03 -18.50
CA ALA A 231 -2.33 8.00 -19.00
C ALA A 231 -2.93 6.60 -18.79
N THR A 232 -2.86 5.79 -19.85
CA THR A 232 -3.34 4.41 -19.82
C THR A 232 -2.21 3.39 -19.86
N ASP A 233 -0.96 3.82 -20.02
CA ASP A 233 0.20 2.93 -20.14
C ASP A 233 1.10 3.00 -18.90
N TYR A 234 0.53 3.32 -17.75
CA TYR A 234 1.33 3.59 -16.56
C TYR A 234 1.90 2.31 -15.96
N THR A 235 3.04 2.46 -15.30
CA THR A 235 3.74 1.36 -14.64
C THR A 235 3.25 1.21 -13.19
N SER A 236 3.94 0.37 -12.43
CA SER A 236 3.69 0.21 -11.01
C SER A 236 4.26 1.35 -10.18
N SER A 237 4.94 2.28 -10.86
CA SER A 237 5.47 3.50 -10.25
C SER A 237 4.37 4.34 -9.59
N ILE A 238 3.11 4.12 -9.97
CA ILE A 238 2.01 4.84 -9.33
C ILE A 238 1.87 4.45 -7.86
N ASP A 239 2.13 3.18 -7.53
CA ASP A 239 2.13 2.77 -6.13
C ASP A 239 3.22 3.49 -5.35
N VAL A 240 4.36 3.76 -6.01
CA VAL A 240 5.43 4.47 -5.33
C VAL A 240 5.04 5.93 -5.07
N TRP A 241 4.36 6.56 -6.02
CA TRP A 241 3.83 7.89 -5.76
C TRP A 241 2.89 7.86 -4.57
N SER A 242 2.02 6.85 -4.50
CA SER A 242 1.07 6.73 -3.41
C SER A 242 1.78 6.52 -2.08
N ALA A 243 2.81 5.68 -2.08
CA ALA A 243 3.59 5.47 -0.86
C ALA A 243 4.24 6.76 -0.40
N GLY A 244 4.64 7.61 -1.34
CA GLY A 244 5.17 8.92 -0.99
C GLY A 244 4.14 9.84 -0.39
N CYS A 245 2.88 9.72 -0.81
CA CYS A 245 1.80 10.46 -0.18
C CYS A 245 1.56 9.99 1.24
N VAL A 246 1.65 8.68 1.47
CA VAL A 246 1.48 8.13 2.82
C VAL A 246 2.59 8.61 3.73
N LEU A 247 3.81 8.70 3.20
CA LEU A 247 4.93 9.14 4.02
C LEU A 247 4.76 10.60 4.45
N ALA A 248 4.41 11.47 3.51
CA ALA A 248 4.21 12.88 3.82
C ALA A 248 3.07 13.05 4.82
N GLU A 249 2.01 12.26 4.67
CA GLU A 249 0.89 12.31 5.59
C GLU A 249 1.31 11.90 7.00
N LEU A 250 2.20 10.92 7.11
CA LEU A 250 2.67 10.50 8.43
C LEU A 250 3.55 11.57 9.07
N LEU A 251 4.20 12.41 8.26
CA LEU A 251 5.01 13.50 8.76
C LEU A 251 4.18 14.74 9.05
N LEU A 252 3.27 15.09 8.15
CA LEU A 252 2.43 16.27 8.33
C LEU A 252 1.35 16.08 9.38
N GLY A 253 0.88 14.85 9.57
CA GLY A 253 -0.30 14.62 10.37
C GLY A 253 -1.60 14.82 9.63
N GLN A 254 -1.56 15.11 8.35
CA GLN A 254 -2.75 15.19 7.52
C GLN A 254 -2.34 14.89 6.09
N PRO A 255 -3.28 14.55 5.22
CA PRO A 255 -2.92 14.21 3.84
C PRO A 255 -2.28 15.39 3.13
N ILE A 256 -1.27 15.10 2.32
CA ILE A 256 -0.50 16.16 1.68
C ILE A 256 -1.25 16.78 0.50
N PHE A 257 -2.04 15.99 -0.23
CA PHE A 257 -2.77 16.48 -1.41
C PHE A 257 -4.24 16.12 -1.31
N PRO A 258 -5.02 16.85 -0.52
CA PRO A 258 -6.46 16.59 -0.45
C PRO A 258 -7.25 17.30 -1.53
N GLY A 259 -7.47 16.65 -2.66
CA GLY A 259 -8.18 17.29 -3.76
C GLY A 259 -9.68 17.11 -3.65
N ASP A 260 -10.41 18.14 -4.08
CA ASP A 260 -11.86 18.05 -4.19
C ASP A 260 -12.30 17.33 -5.45
N SER A 261 -11.42 17.23 -6.44
CA SER A 261 -11.70 16.58 -7.71
C SER A 261 -10.39 16.04 -8.23
N GLY A 262 -10.47 15.22 -9.28
CA GLY A 262 -9.26 14.82 -9.96
C GLY A 262 -8.49 16.02 -10.48
N VAL A 263 -9.21 17.02 -10.99
CA VAL A 263 -8.58 18.23 -11.49
C VAL A 263 -8.00 19.04 -10.34
N ASP A 264 -8.74 19.15 -9.23
CA ASP A 264 -8.22 19.86 -8.08
C ASP A 264 -7.10 19.09 -7.40
N GLN A 265 -7.09 17.77 -7.55
CA GLN A 265 -5.94 17.00 -7.07
C GLN A 265 -4.66 17.46 -7.74
N LEU A 266 -4.71 17.72 -9.05
CA LEU A 266 -3.53 18.22 -9.74
C LEU A 266 -3.15 19.61 -9.25
N VAL A 267 -4.12 20.44 -8.88
CA VAL A 267 -3.77 21.75 -8.33
C VAL A 267 -3.01 21.58 -7.02
N GLU A 268 -3.52 20.73 -6.12
CA GLU A 268 -2.85 20.47 -4.86
C GLU A 268 -1.41 20.05 -5.07
N ILE A 269 -1.18 19.12 -6.00
CA ILE A 269 0.18 18.67 -6.28
C ILE A 269 1.03 19.82 -6.80
N ILE A 270 0.46 20.61 -7.71
CA ILE A 270 1.22 21.72 -8.30
C ILE A 270 1.64 22.71 -7.22
N LYS A 271 0.77 22.95 -6.23
CA LYS A 271 1.11 23.90 -5.19
C LYS A 271 2.38 23.50 -4.45
N VAL A 272 2.69 22.22 -4.41
CA VAL A 272 3.93 21.77 -3.77
C VAL A 272 4.98 21.55 -4.85
N LEU A 273 4.67 20.67 -5.82
CA LEU A 273 5.68 20.35 -6.83
C LEU A 273 5.95 21.52 -7.76
N GLY A 274 4.98 22.41 -7.91
CA GLY A 274 5.07 23.42 -8.94
C GLY A 274 4.61 22.87 -10.27
N THR A 275 4.56 23.74 -11.25
CA THR A 275 3.98 23.39 -12.53
C THR A 275 4.79 22.30 -13.20
N PRO A 276 4.16 21.23 -13.69
CA PRO A 276 4.89 20.26 -14.51
C PRO A 276 5.43 20.95 -15.76
N THR A 277 6.58 20.50 -16.21
CA THR A 277 7.17 20.99 -17.46
C THR A 277 7.35 19.83 -18.41
N ARG A 278 6.84 19.98 -19.64
CA ARG A 278 7.28 19.09 -20.69
C ARG A 278 8.81 19.05 -20.65
N GLU A 279 9.40 17.85 -20.61
CA GLU A 279 8.75 16.58 -20.91
C GLU A 279 8.01 15.91 -19.74
N GLN A 280 8.08 16.49 -18.54
CA GLN A 280 7.40 15.87 -17.41
C GLN A 280 5.97 15.49 -17.76
N ILE A 281 5.25 16.40 -18.39
CA ILE A 281 3.92 16.06 -18.89
C ILE A 281 4.02 14.91 -19.88
N ARG A 282 5.07 14.92 -20.70
CA ARG A 282 5.19 13.90 -21.74
C ARG A 282 5.49 12.55 -21.12
N GLU A 283 6.36 12.52 -20.11
CA GLU A 283 6.65 11.26 -19.43
C GLU A 283 5.45 10.72 -18.69
N MET A 284 4.55 11.58 -18.23
CA MET A 284 3.36 11.08 -17.56
C MET A 284 2.35 10.56 -18.57
N ASN A 285 2.18 11.24 -19.70
CA ASN A 285 1.16 10.87 -20.68
C ASN A 285 1.59 11.31 -22.07
N PRO A 286 2.26 10.44 -22.82
CA PRO A 286 2.82 10.88 -24.13
C PRO A 286 1.76 11.38 -25.11
N ASN A 287 0.54 10.83 -25.07
CA ASN A 287 -0.48 11.25 -26.02
C ASN A 287 -1.19 12.52 -25.57
N TYR A 288 -1.22 12.81 -24.26
CA TYR A 288 -1.76 14.07 -23.78
C TYR A 288 -0.97 15.23 -24.38
N THR A 289 -1.63 16.37 -24.64
CA THR A 289 -0.87 17.45 -25.29
C THR A 289 -0.91 18.85 -24.67
N GLU A 290 -1.94 19.65 -24.96
CA GLU A 290 -1.91 21.06 -24.58
C GLU A 290 -2.41 21.26 -23.16
N PHE A 291 -1.52 21.76 -22.33
CA PHE A 291 -1.47 22.23 -20.95
C PHE A 291 -0.46 23.35 -20.92
N LYS A 292 -0.90 24.53 -20.49
CA LYS A 292 -0.01 25.66 -20.31
C LYS A 292 0.02 25.98 -18.81
N PHE A 293 -1.12 26.47 -18.28
CA PHE A 293 -1.24 26.59 -16.82
C PHE A 293 -0.35 27.68 -16.25
N PRO A 294 -0.82 28.62 -15.43
CA PRO A 294 0.15 29.55 -14.89
C PRO A 294 1.36 28.81 -14.30
N GLN A 295 2.55 29.35 -14.52
CA GLN A 295 3.75 28.77 -13.96
C GLN A 295 3.81 29.06 -12.47
N ILE A 296 3.90 28.00 -11.69
CA ILE A 296 3.92 28.06 -10.23
C ILE A 296 5.25 27.51 -9.77
N LYS A 297 5.99 28.30 -9.01
CA LYS A 297 7.26 27.84 -8.47
C LYS A 297 7.02 26.76 -7.42
N ALA A 298 7.90 25.77 -7.39
CA ALA A 298 7.80 24.72 -6.40
C ALA A 298 8.06 25.27 -5.00
N HIS A 299 7.29 24.79 -4.04
CA HIS A 299 7.56 25.04 -2.64
C HIS A 299 8.81 24.27 -2.22
N PRO A 300 9.78 24.90 -1.55
CA PRO A 300 10.95 24.12 -1.10
C PRO A 300 10.53 23.04 -0.12
N TRP A 301 11.14 21.85 -0.27
CA TRP A 301 10.70 20.69 0.48
C TRP A 301 10.87 20.87 1.98
N THR A 302 11.84 21.67 2.40
CA THR A 302 12.03 21.89 3.83
C THR A 302 10.88 22.70 4.42
N LYS A 303 10.25 23.55 3.61
CA LYS A 303 9.14 24.37 4.07
C LYS A 303 7.82 23.61 4.06
N VAL A 304 7.74 22.49 3.33
CA VAL A 304 6.52 21.69 3.33
C VAL A 304 6.27 21.09 4.70
N PHE A 305 7.33 20.68 5.38
CA PHE A 305 7.22 19.91 6.61
C PHE A 305 7.62 20.77 7.81
N ARG A 306 7.17 20.32 8.97
CA ARG A 306 7.46 21.05 10.19
C ARG A 306 8.97 21.05 10.43
N PRO A 307 9.50 22.04 11.15
CA PRO A 307 10.98 22.13 11.28
C PRO A 307 11.63 20.89 11.87
N ARG A 308 10.95 20.17 12.76
CA ARG A 308 11.57 19.00 13.39
C ARG A 308 11.85 17.88 12.41
N THR A 309 11.22 17.89 11.25
CA THR A 309 11.28 16.77 10.34
C THR A 309 12.74 16.47 9.98
N PRO A 310 13.20 15.23 10.10
CA PRO A 310 14.59 14.92 9.74
C PRO A 310 14.78 15.00 8.22
N PRO A 311 15.94 15.50 7.77
CA PRO A 311 16.13 15.65 6.32
C PRO A 311 16.03 14.34 5.55
N GLU A 312 16.45 13.21 6.14
CA GLU A 312 16.41 11.97 5.39
C GLU A 312 14.99 11.57 5.04
N ALA A 313 14.03 11.98 5.87
CA ALA A 313 12.62 11.77 5.55
C ALA A 313 12.17 12.72 4.44
N ILE A 314 12.62 13.97 4.52
CA ILE A 314 12.29 14.95 3.47
C ILE A 314 12.91 14.53 2.15
N ALA A 315 14.16 14.04 2.19
CA ALA A 315 14.85 13.65 0.97
C ALA A 315 14.21 12.42 0.34
N LEU A 316 13.86 11.41 1.15
CA LEU A 316 13.17 10.25 0.60
C LEU A 316 11.88 10.66 -0.08
N CYS A 317 11.15 11.59 0.55
CA CYS A 317 9.89 12.04 -0.01
C CYS A 317 10.08 12.72 -1.36
N SER A 318 11.17 13.47 -1.53
CA SER A 318 11.43 14.13 -2.81
C SER A 318 11.67 13.11 -3.91
N ARG A 319 12.20 11.95 -3.56
CA ARG A 319 12.48 10.88 -4.52
C ARG A 319 11.28 9.99 -4.77
N LEU A 320 10.18 10.23 -4.08
CA LEU A 320 8.92 9.54 -4.29
C LEU A 320 7.88 10.41 -4.97
N LEU A 321 7.81 11.68 -4.59
CA LEU A 321 6.83 12.61 -5.15
C LEU A 321 7.45 13.40 -6.30
N GLU A 322 7.78 12.64 -7.35
CA GLU A 322 8.30 13.14 -8.61
C GLU A 322 7.21 13.07 -9.67
N TYR A 323 7.15 14.07 -10.56
CA TYR A 323 6.23 13.99 -11.69
C TYR A 323 6.60 12.86 -12.64
N THR A 324 7.90 12.67 -12.86
CA THR A 324 8.36 11.71 -13.85
C THR A 324 8.35 10.32 -13.24
N PRO A 325 7.54 9.39 -13.75
CA PRO A 325 7.45 8.07 -13.09
C PRO A 325 8.79 7.35 -13.01
N THR A 326 9.66 7.52 -14.01
CA THR A 326 10.96 6.87 -14.02
C THR A 326 11.92 7.49 -13.02
N ALA A 327 11.71 8.75 -12.64
CA ALA A 327 12.53 9.38 -11.62
C ALA A 327 12.23 8.83 -10.24
N ARG A 328 11.04 8.28 -10.05
CA ARG A 328 10.65 7.77 -8.74
C ARG A 328 11.44 6.51 -8.41
N LEU A 329 11.78 6.38 -7.14
CA LEU A 329 12.54 5.23 -6.70
C LEU A 329 11.74 3.95 -6.84
N THR A 330 12.44 2.87 -6.98
CA THR A 330 11.86 1.55 -6.85
C THR A 330 11.65 1.27 -5.36
N PRO A 331 10.68 0.41 -5.01
CA PRO A 331 10.51 0.08 -3.59
C PRO A 331 11.80 -0.38 -2.92
N LEU A 332 12.52 -1.34 -3.51
CA LEU A 332 13.77 -1.78 -2.92
C LEU A 332 14.75 -0.62 -2.76
N GLU A 333 14.76 0.29 -3.74
CA GLU A 333 15.62 1.46 -3.62
C GLU A 333 15.20 2.32 -2.46
N ALA A 334 13.90 2.38 -2.19
CA ALA A 334 13.40 3.10 -1.03
C ALA A 334 13.83 2.41 0.26
N CYS A 335 13.68 1.08 0.33
CA CYS A 335 14.14 0.36 1.52
C CYS A 335 15.59 0.67 1.82
N ALA A 336 16.42 0.73 0.78
CA ALA A 336 17.84 0.97 0.95
C ALA A 336 18.14 2.42 1.28
N HIS A 337 17.14 3.29 1.24
CA HIS A 337 17.34 4.70 1.53
C HIS A 337 17.86 4.91 2.95
N SER A 338 18.65 5.97 3.12
CA SER A 338 19.29 6.24 4.40
C SER A 338 18.29 6.57 5.50
N PHE A 339 17.07 6.94 5.13
CA PHE A 339 16.06 7.23 6.14
C PHE A 339 15.79 6.02 7.01
N PHE A 340 16.01 4.82 6.47
CA PHE A 340 15.76 3.60 7.21
C PHE A 340 17.00 3.04 7.88
N ASP A 341 18.15 3.75 7.81
CA ASP A 341 19.37 3.20 8.38
C ASP A 341 19.19 2.84 9.84
N GLU A 342 18.37 3.59 10.59
CA GLU A 342 18.18 3.28 12.00
C GLU A 342 17.58 1.89 12.17
N LEU A 343 16.76 1.44 11.23
CA LEU A 343 16.18 0.10 11.33
C LEU A 343 17.24 -0.99 11.16
N ARG A 344 18.37 -0.67 10.54
CA ARG A 344 19.44 -1.64 10.29
C ARG A 344 20.52 -1.62 11.36
N ASP A 345 20.40 -0.74 12.35
CA ASP A 345 21.33 -0.69 13.46
C ASP A 345 21.18 -1.98 14.28
N PRO A 346 22.26 -2.50 14.86
CA PRO A 346 22.11 -3.69 15.72
C PRO A 346 21.36 -3.41 17.01
N ASN A 347 21.47 -2.20 17.58
CA ASN A 347 20.89 -1.89 18.88
C ASN A 347 19.53 -1.23 18.74
N VAL A 348 18.64 -1.79 17.92
CA VAL A 348 17.35 -1.17 17.61
C VAL A 348 16.27 -1.93 18.35
N LYS A 349 15.40 -1.20 19.01
CA LYS A 349 14.30 -1.81 19.72
C LYS A 349 13.07 -0.93 19.55
N LEU A 350 11.91 -1.55 19.66
CA LEU A 350 10.69 -0.76 19.65
C LEU A 350 10.64 0.08 20.92
N PRO A 351 9.93 1.21 20.89
CA PRO A 351 9.85 2.06 22.09
C PRO A 351 9.31 1.31 23.31
N ASN A 352 8.48 0.29 23.10
CA ASN A 352 8.05 -0.58 24.18
C ASN A 352 9.11 -1.59 24.59
N GLY A 353 10.26 -1.62 23.89
CA GLY A 353 11.34 -2.51 24.22
C GLY A 353 11.30 -3.85 23.53
N ARG A 354 10.20 -4.19 22.86
CA ARG A 354 10.16 -5.42 22.09
C ARG A 354 11.12 -5.32 20.90
N ASP A 355 11.57 -6.47 20.43
CA ASP A 355 12.39 -6.52 19.23
C ASP A 355 11.59 -5.99 18.05
N THR A 356 12.32 -5.51 17.03
CA THR A 356 11.66 -5.10 15.81
C THR A 356 11.12 -6.32 15.08
N PRO A 357 10.02 -6.16 14.34
CA PRO A 357 9.61 -7.24 13.44
C PRO A 357 10.74 -7.56 12.48
N ALA A 358 10.69 -8.75 11.90
CA ALA A 358 11.72 -9.14 10.95
C ALA A 358 11.66 -8.24 9.72
N LEU A 359 12.81 -7.71 9.35
CA LEU A 359 12.92 -6.77 8.25
C LEU A 359 13.86 -7.23 7.16
N PHE A 360 14.61 -8.31 7.37
CA PHE A 360 15.73 -8.65 6.52
C PHE A 360 15.58 -10.01 5.87
N ASN A 361 14.51 -10.76 6.14
CA ASN A 361 14.35 -12.10 5.58
C ASN A 361 13.90 -12.02 4.12
N PHE A 362 14.74 -11.36 3.31
CA PHE A 362 14.45 -11.20 1.89
C PHE A 362 14.58 -12.53 1.15
N THR A 363 13.65 -12.78 0.24
CA THR A 363 13.75 -13.87 -0.72
C THR A 363 14.46 -13.40 -1.99
N THR A 364 14.95 -14.37 -2.77
CA THR A 364 15.55 -14.03 -4.06
C THR A 364 14.54 -13.31 -4.95
N GLN A 365 13.29 -13.76 -4.92
CA GLN A 365 12.22 -13.10 -5.67
C GLN A 365 12.09 -11.64 -5.27
N GLU A 366 12.16 -11.38 -3.96
CA GLU A 366 11.98 -10.05 -3.43
C GLU A 366 13.07 -9.11 -3.92
N LEU A 367 14.25 -9.66 -4.18
CA LEU A 367 15.43 -8.93 -4.58
C LEU A 367 15.61 -8.87 -6.09
N SER A 368 14.63 -9.39 -6.84
CA SER A 368 14.79 -9.55 -8.29
C SER A 368 15.12 -8.23 -8.96
N SER A 369 14.51 -7.14 -8.49
CA SER A 369 14.69 -5.86 -9.16
C SER A 369 16.13 -5.39 -9.08
N ASN A 370 16.86 -5.80 -8.06
CA ASN A 370 18.26 -5.44 -7.93
C ASN A 370 18.88 -6.27 -6.82
N PRO A 371 19.26 -7.52 -7.10
CA PRO A 371 19.85 -8.36 -6.06
C PRO A 371 21.09 -7.74 -5.44
N PRO A 372 21.89 -6.99 -6.21
CA PRO A 372 23.05 -6.32 -5.62
C PRO A 372 22.72 -5.42 -4.44
N LEU A 373 21.49 -4.91 -4.33
CA LEU A 373 21.16 -4.05 -3.21
C LEU A 373 21.14 -4.80 -1.88
N ALA A 374 21.20 -6.12 -1.89
CA ALA A 374 21.12 -6.87 -0.65
C ALA A 374 22.24 -6.51 0.32
N THR A 375 23.38 -6.03 -0.19
CA THR A 375 24.48 -5.70 0.71
C THR A 375 24.08 -4.58 1.67
N ILE A 376 23.27 -3.63 1.20
CA ILE A 376 22.76 -2.58 2.06
C ILE A 376 21.56 -3.08 2.85
N LEU A 377 20.61 -3.72 2.16
CA LEU A 377 19.35 -4.08 2.77
C LEU A 377 19.53 -5.03 3.94
N ILE A 378 20.51 -5.93 3.86
CA ILE A 378 20.77 -6.91 4.91
C ILE A 378 21.98 -6.43 5.69
N PRO A 379 21.82 -5.93 6.91
CA PRO A 379 22.96 -5.46 7.69
C PRO A 379 23.81 -6.64 8.14
N PRO A 380 25.08 -6.42 8.49
CA PRO A 380 25.93 -7.56 8.85
C PRO A 380 25.35 -8.44 9.93
N HIS A 381 24.76 -7.86 10.99
CA HIS A 381 24.29 -8.67 12.10
C HIS A 381 23.16 -9.60 11.68
N ALA A 382 22.47 -9.31 10.58
CA ALA A 382 21.39 -10.15 10.09
C ALA A 382 21.84 -11.18 9.04
N ARG A 383 23.09 -11.16 8.63
CA ARG A 383 23.50 -12.06 7.55
C ARG A 383 23.59 -13.48 8.06
N ILE A 384 23.37 -14.42 7.15
CA ILE A 384 23.49 -15.85 7.41
C ILE A 384 22.71 -16.25 8.66
N VAL B 1 -11.97 1.08 -12.16
CA VAL B 1 -11.25 0.03 -12.87
C VAL B 1 -11.70 0.00 -14.34
N ARG B 3 -13.24 -1.89 -17.61
CA ARG B 3 -14.44 -2.63 -17.99
C ARG B 3 -14.08 -3.87 -18.83
N ARG B 4 -14.99 -4.87 -18.90
CA ARG B 4 -14.76 -6.16 -19.71
CA ARG B 4 -14.27 -5.89 -20.74
C ARG B 4 -13.76 -7.22 -18.94
#